data_9PMH
#
_entry.id   9PMH
#
_cell.length_a   178.017
_cell.length_b   178.017
_cell.length_c   178.017
_cell.angle_alpha   90.000
_cell.angle_beta   90.000
_cell.angle_gamma   90.000
#
_symmetry.space_group_name_H-M   'I 41 3 2'
#
loop_
_entity.id
_entity.type
_entity.pdbx_description
1 polymer "DNA (5'-D(*GP*CP*AP*TP*GP*CP*CP*TP*GP*TP*AP*CP*GP*GP*AP*CP*AP*GP*AP*TP*CP*CP*A)-3')"
2 polymer "DNA (5'-D(P*CP*CP*GP*TP*AP*CP*A)-3')"
3 polymer "DNA (5'-D(P*GP*GP*CP*AP*TP*GP*C)-3')"
4 polymer "DNA (5'-D(*TP*GP*AP*TP*CP*TP*GP*T)-3')"
#
loop_
_entity_poly.entity_id
_entity_poly.type
_entity_poly.pdbx_seq_one_letter_code
_entity_poly.pdbx_strand_id
1 'polydeoxyribonucleotide'
;(DG)(DC)(DA)(DT)(DG)(DC)(DC)(DT)(DG)(DT)(DA)(DC)(DG)(DG)(DA)(DC)(DA)(DG)(DA)(DT)
(DC)(DA)
;
A
2 'polydeoxyribonucleotide' (DC)(DC)(DG)(DT)(DA)(DC)(DA) B
3 'polydeoxyribonucleotide' (DG)(DG)(DC)(DA)(DT)(DG)(DC) C
4 'polydeoxyribonucleotide' (DT)(DG)(DA)(DT)(DC)(DT)(DG)(DT) D
#
loop_
_chem_comp.id
_chem_comp.type
_chem_comp.name
_chem_comp.formula
DA DNA linking 2'-DEOXYADENOSINE-5'-MONOPHOSPHATE 'C10 H14 N5 O6 P'
DC DNA linking 2'-DEOXYCYTIDINE-5'-MONOPHOSPHATE 'C9 H14 N3 O7 P'
DG DNA linking 2'-DEOXYGUANOSINE-5'-MONOPHOSPHATE 'C10 H14 N5 O7 P'
DT DNA linking THYMIDINE-5'-MONOPHOSPHATE 'C10 H15 N2 O8 P'
#